data_6FBX
#
_entry.id   6FBX
#
_cell.length_a   87.619
_cell.length_b   87.619
_cell.length_c   36.770
_cell.angle_alpha   90.00
_cell.angle_beta   90.00
_cell.angle_gamma   120.00
#
_symmetry.space_group_name_H-M   'P 63'
#
loop_
_entity.id
_entity.type
_entity.pdbx_description
1 polymer 'BCL2-like 10'
2 polymer 'BCL2-antagonist of cell death'
3 water water
#
loop_
_entity_poly.entity_id
_entity_poly.type
_entity_poly.pdbx_seq_one_letter_code
_entity_poly.pdbx_strand_id
1 'polypeptide(L)'
;GPLSMSCWLREQTLLLAEDYISFCSGIQQTPPSESAEAMRYLAKEMEQQHRTKFRSLSQEFLDTCGADPSKCLQSVMREL
VGDGKMNWGRVVSIFTFTGVLASELLSRGENSEGSRRLAETIADYLGGEKQDWLVENGGWEGFCRFFHNARQ
;
A
2 'polypeptide(L)' ALWAAKKYGQQLRRMSDEFDKGQMKR B
#
# COMPACT_ATOMS: atom_id res chain seq x y z
N GLY A 1 17.81 0.52 -19.08
CA GLY A 1 17.33 -0.84 -19.25
C GLY A 1 16.27 -1.23 -18.23
N PRO A 2 15.70 -2.43 -18.38
CA PRO A 2 14.68 -2.85 -17.41
C PRO A 2 15.18 -2.88 -15.98
N LEU A 3 16.43 -3.33 -15.76
CA LEU A 3 16.98 -3.33 -14.39
C LEU A 3 17.13 -1.92 -13.87
N SER A 4 17.68 -1.01 -14.68
CA SER A 4 17.84 0.38 -14.26
C SER A 4 16.49 1.00 -13.88
N MET A 5 15.48 0.81 -14.73
CA MET A 5 14.17 1.38 -14.45
C MET A 5 13.57 0.77 -13.19
N SER A 6 13.70 -0.54 -13.01
CA SER A 6 13.15 -1.19 -11.82
C SER A 6 13.80 -0.64 -10.56
N CYS A 7 15.13 -0.53 -10.55
CA CYS A 7 15.81 0.03 -9.39
C CYS A 7 15.27 1.42 -9.06
N TRP A 8 15.09 2.26 -10.08
CA TRP A 8 14.60 3.61 -9.86
C TRP A 8 13.17 3.59 -9.33
N LEU A 9 12.30 2.80 -9.97
CA LEU A 9 10.91 2.70 -9.50
C LEU A 9 10.85 2.17 -8.08
N ARG A 10 11.71 1.21 -7.73
CA ARG A 10 11.71 0.68 -6.38
C ARG A 10 12.07 1.77 -5.38
N GLU A 11 13.07 2.59 -5.69
CA GLU A 11 13.46 3.65 -4.76
C GLU A 11 12.40 4.72 -4.65
N GLN A 12 11.79 5.11 -5.79
CA GLN A 12 10.70 6.09 -5.74
C GLN A 12 9.54 5.58 -4.90
N THR A 13 9.20 4.30 -5.05
CA THR A 13 8.11 3.72 -4.28
C THR A 13 8.47 3.63 -2.80
N LEU A 14 9.71 3.27 -2.49
CA LEU A 14 10.13 3.17 -1.10
C LEU A 14 9.97 4.51 -0.38
N LEU A 15 10.44 5.59 -1.01
CA LEU A 15 10.28 6.91 -0.42
C LEU A 15 8.81 7.22 -0.17
N LEU A 16 7.95 6.87 -1.13
CA LEU A 16 6.52 7.14 -0.98
C LEU A 16 5.92 6.30 0.15
N ALA A 17 6.25 5.01 0.18
CA ALA A 17 5.74 4.15 1.24
C ALA A 17 6.26 4.57 2.61
N GLU A 18 7.55 4.92 2.69
CA GLU A 18 8.11 5.35 3.96
C GLU A 18 7.41 6.62 4.45
N ASP A 19 7.10 7.55 3.54
CA ASP A 19 6.44 8.78 3.95
C ASP A 19 5.04 8.50 4.49
N TYR A 20 4.26 7.70 3.75
CA TYR A 20 2.89 7.43 4.20
C TYR A 20 2.89 6.70 5.53
N ILE A 21 3.77 5.70 5.68
CA ILE A 21 3.84 4.97 6.94
C ILE A 21 4.22 5.90 8.09
N SER A 22 5.19 6.79 7.87
CA SER A 22 5.54 7.76 8.91
C SER A 22 4.35 8.67 9.21
N PHE A 23 3.66 9.11 8.17
CA PHE A 23 2.47 9.94 8.33
C PHE A 23 1.43 9.24 9.21
N CYS A 24 1.29 7.93 9.05
CA CYS A 24 0.38 7.14 9.87
C CYS A 24 0.93 6.84 11.26
N SER A 25 2.20 7.15 11.52
CA SER A 25 2.84 6.83 12.80
C SER A 25 2.96 8.05 13.71
N GLY A 26 2.13 9.07 13.49
CA GLY A 26 2.11 10.23 14.35
C GLY A 26 3.10 11.31 14.01
N ILE A 27 3.95 11.10 13.01
CA ILE A 27 4.93 12.10 12.60
C ILE A 27 4.25 13.14 11.72
N GLN A 28 4.53 14.41 11.98
CA GLN A 28 3.98 15.52 11.21
C GLN A 28 5.12 16.23 10.50
N GLN A 29 5.15 16.11 9.18
CA GLN A 29 6.14 16.81 8.36
C GLN A 29 5.51 17.07 7.01
N THR A 30 5.98 18.14 6.36
CA THR A 30 5.43 18.50 5.07
C THR A 30 5.69 17.39 4.06
N PRO A 31 4.75 17.11 3.16
CA PRO A 31 4.98 16.07 2.16
C PRO A 31 6.26 16.32 1.39
N PRO A 32 7.11 15.29 1.21
CA PRO A 32 8.36 15.51 0.47
C PRO A 32 8.19 15.65 -1.02
N SER A 33 7.05 15.25 -1.58
CA SER A 33 6.85 15.27 -3.02
C SER A 33 5.37 15.44 -3.31
N GLU A 34 5.07 15.88 -4.53
CA GLU A 34 3.68 16.00 -4.96
C GLU A 34 2.96 14.65 -4.86
N SER A 35 3.66 13.57 -5.21
CA SER A 35 3.06 12.24 -5.11
C SER A 35 2.78 11.86 -3.66
N ALA A 36 3.67 12.24 -2.75
CA ALA A 36 3.42 11.99 -1.33
C ALA A 36 2.20 12.76 -0.84
N GLU A 37 2.07 14.03 -1.22
CA GLU A 37 0.88 14.78 -0.85
C GLU A 37 -0.38 14.08 -1.37
N ALA A 38 -0.33 13.57 -2.60
CA ALA A 38 -1.49 12.90 -3.18
C ALA A 38 -1.80 11.60 -2.45
N MET A 39 -0.78 10.79 -2.17
CA MET A 39 -1.03 9.50 -1.51
C MET A 39 -1.54 9.70 -0.10
N ARG A 40 -0.96 10.66 0.64
CA ARG A 40 -1.47 10.98 1.97
C ARG A 40 -2.97 11.27 1.92
N TYR A 41 -3.40 12.07 0.95
CA TYR A 41 -4.81 12.43 0.85
C TYR A 41 -5.65 11.22 0.47
N LEU A 42 -5.25 10.51 -0.58
CA LEU A 42 -6.08 9.46 -1.15
C LEU A 42 -6.15 8.24 -0.23
N ALA A 43 -5.01 7.82 0.32
CA ALA A 43 -5.02 6.65 1.19
C ALA A 43 -5.77 6.92 2.48
N LYS A 44 -5.72 8.15 3.00
CA LYS A 44 -6.51 8.47 4.19
C LYS A 44 -7.98 8.61 3.84
N GLU A 45 -8.30 9.08 2.64
CA GLU A 45 -9.68 9.08 2.18
C GLU A 45 -10.24 7.67 2.17
N MET A 46 -9.48 6.72 1.60
CA MET A 46 -9.97 5.35 1.57
C MET A 46 -10.10 4.78 2.97
N GLU A 47 -9.17 5.10 3.87
CA GLU A 47 -9.29 4.63 5.24
C GLU A 47 -10.55 5.19 5.89
N GLN A 48 -10.76 6.50 5.76
CA GLN A 48 -11.94 7.13 6.37
C GLN A 48 -13.22 6.52 5.85
N GLN A 49 -13.23 6.08 4.59
CA GLN A 49 -14.42 5.49 4.01
C GLN A 49 -14.67 4.06 4.47
N HIS A 50 -13.64 3.38 5.00
CA HIS A 50 -13.76 1.98 5.41
C HIS A 50 -13.02 1.72 6.71
N ARG A 51 -13.04 2.70 7.63
CA ARG A 51 -12.12 2.66 8.77
C ARG A 51 -12.29 1.38 9.59
N THR A 52 -13.53 1.02 9.91
CA THR A 52 -13.76 -0.16 10.75
C THR A 52 -13.28 -1.43 10.07
N LYS A 53 -13.54 -1.56 8.77
CA LYS A 53 -13.13 -2.77 8.05
C LYS A 53 -11.60 -2.88 7.99
N PHE A 54 -10.91 -1.77 7.70
CA PHE A 54 -9.45 -1.80 7.69
C PHE A 54 -8.90 -2.17 9.06
N ARG A 55 -9.49 -1.61 10.12
CA ARG A 55 -9.00 -1.92 11.46
C ARG A 55 -9.19 -3.40 11.77
N SER A 56 -10.37 -3.93 11.47
CA SER A 56 -10.64 -5.35 11.71
C SER A 56 -9.70 -6.23 10.88
N LEU A 57 -9.49 -5.87 9.61
CA LEU A 57 -8.62 -6.66 8.75
C LEU A 57 -7.18 -6.66 9.28
N SER A 58 -6.68 -5.50 9.68
CA SER A 58 -5.31 -5.42 10.17
C SER A 58 -5.12 -6.31 11.39
N GLN A 59 -6.10 -6.34 12.29
CA GLN A 59 -5.96 -7.14 13.51
C GLN A 59 -6.08 -8.63 13.20
N GLU A 60 -7.02 -9.02 12.34
CA GLU A 60 -7.08 -10.41 11.89
C GLU A 60 -5.76 -10.82 11.24
N PHE A 61 -5.29 -10.01 10.29
CA PHE A 61 -4.05 -10.27 9.58
C PHE A 61 -2.90 -10.53 10.56
N LEU A 62 -2.66 -9.59 11.47
CA LEU A 62 -1.52 -9.72 12.37
C LEU A 62 -1.69 -10.90 13.33
N ASP A 63 -2.93 -11.29 13.64
CA ASP A 63 -3.16 -12.41 14.53
C ASP A 63 -3.05 -13.76 13.84
N THR A 64 -3.19 -13.81 12.51
CA THR A 64 -3.07 -15.06 11.77
C THR A 64 -1.74 -15.19 11.04
N CYS A 65 -0.98 -14.10 10.89
CA CYS A 65 0.24 -14.15 10.11
C CYS A 65 1.38 -14.77 10.90
N GLY A 66 1.67 -14.25 12.08
CA GLY A 66 2.78 -14.74 12.88
C GLY A 66 4.04 -13.92 12.65
N ALA A 67 5.13 -14.60 12.28
CA ALA A 67 6.46 -14.03 12.44
C ALA A 67 6.80 -12.95 11.41
N ASP A 68 6.30 -13.07 10.18
CA ASP A 68 6.79 -12.27 9.05
C ASP A 68 5.64 -11.52 8.40
N PRO A 69 5.23 -10.38 8.95
CA PRO A 69 4.15 -9.62 8.31
C PRO A 69 4.44 -9.25 6.86
N SER A 70 5.71 -8.98 6.52
CA SER A 70 6.05 -8.63 5.15
C SER A 70 5.73 -9.78 4.19
N LYS A 71 6.09 -11.00 4.58
CA LYS A 71 5.78 -12.16 3.73
C LYS A 71 4.28 -12.32 3.56
N CYS A 72 3.52 -12.18 4.65
CA CYS A 72 2.07 -12.30 4.57
C CYS A 72 1.47 -11.19 3.69
N LEU A 73 2.06 -9.99 3.73
CA LEU A 73 1.55 -8.90 2.91
C LEU A 73 1.76 -9.18 1.43
N GLN A 74 2.89 -9.79 1.07
CA GLN A 74 3.10 -10.17 -0.32
C GLN A 74 1.99 -11.08 -0.82
N SER A 75 1.56 -12.03 0.01
CA SER A 75 0.51 -12.96 -0.41
C SER A 75 -0.83 -12.24 -0.56
N VAL A 76 -1.10 -11.27 0.30
CA VAL A 76 -2.33 -10.49 0.17
C VAL A 76 -2.31 -9.65 -1.10
N MET A 77 -1.20 -8.96 -1.35
CA MET A 77 -1.09 -8.14 -2.57
C MET A 77 -1.25 -9.00 -3.81
N ARG A 78 -0.64 -10.19 -3.82
CA ARG A 78 -0.80 -11.12 -4.93
C ARG A 78 -2.27 -11.47 -5.14
N GLU A 79 -3.00 -11.73 -4.05
CA GLU A 79 -4.41 -12.11 -4.16
C GLU A 79 -5.28 -10.92 -4.52
N LEU A 80 -4.93 -9.73 -4.04
CA LEU A 80 -5.69 -8.53 -4.40
C LEU A 80 -5.75 -8.38 -5.92
N VAL A 81 -4.62 -8.52 -6.59
CA VAL A 81 -4.54 -8.40 -8.04
C VAL A 81 -4.58 -9.77 -8.71
N GLY A 82 -5.02 -10.81 -7.99
CA GLY A 82 -5.01 -12.16 -8.52
C GLY A 82 -5.85 -12.37 -9.76
N ASP A 83 -6.72 -11.41 -10.09
CA ASP A 83 -7.52 -11.49 -11.30
C ASP A 83 -6.81 -10.91 -12.52
N GLY A 84 -5.49 -10.69 -12.43
CA GLY A 84 -4.72 -10.18 -13.54
C GLY A 84 -4.83 -8.70 -13.77
N LYS A 85 -5.77 -8.02 -13.11
CA LYS A 85 -6.00 -6.60 -13.35
C LYS A 85 -5.27 -5.76 -12.32
N MET A 86 -4.89 -4.55 -12.75
CA MET A 86 -4.13 -3.63 -11.93
C MET A 86 -4.65 -2.22 -12.19
N ASN A 87 -4.83 -1.45 -11.12
CA ASN A 87 -5.25 -0.06 -11.26
C ASN A 87 -4.80 0.72 -10.04
N TRP A 88 -4.89 2.05 -10.14
CA TRP A 88 -4.39 2.89 -9.06
C TRP A 88 -5.20 2.74 -7.78
N GLY A 89 -6.49 2.44 -7.91
CA GLY A 89 -7.31 2.24 -6.72
C GLY A 89 -6.82 1.08 -5.86
N ARG A 90 -6.40 0.00 -6.51
CA ARG A 90 -5.87 -1.13 -5.76
C ARG A 90 -4.53 -0.79 -5.12
N VAL A 91 -3.72 0.03 -5.81
CA VAL A 91 -2.48 0.52 -5.22
C VAL A 91 -2.76 1.33 -3.96
N VAL A 92 -3.74 2.22 -4.03
CA VAL A 92 -4.09 3.02 -2.85
C VAL A 92 -4.46 2.11 -1.69
N SER A 93 -5.26 1.08 -1.95
CA SER A 93 -5.68 0.18 -0.87
CA SER A 93 -5.68 0.19 -0.87
C SER A 93 -4.49 -0.51 -0.23
N ILE A 94 -3.46 -0.83 -1.02
CA ILE A 94 -2.25 -1.44 -0.45
C ILE A 94 -1.61 -0.48 0.53
N PHE A 95 -1.49 0.80 0.13
CA PHE A 95 -0.92 1.80 1.04
C PHE A 95 -1.80 2.00 2.26
N THR A 96 -3.12 2.11 2.07
CA THR A 96 -4.03 2.27 3.20
C THR A 96 -3.89 1.13 4.19
N PHE A 97 -3.94 -0.11 3.69
CA PHE A 97 -3.85 -1.27 4.55
C PHE A 97 -2.52 -1.30 5.29
N THR A 98 -1.42 -1.01 4.60
CA THR A 98 -0.11 -1.06 5.23
C THR A 98 0.03 0.04 6.28
N GLY A 99 -0.56 1.20 6.02
CA GLY A 99 -0.55 2.27 7.02
C GLY A 99 -1.27 1.87 8.30
N VAL A 100 -2.42 1.20 8.17
CA VAL A 100 -3.14 0.73 9.35
C VAL A 100 -2.35 -0.37 10.03
N LEU A 101 -1.77 -1.28 9.24
CA LEU A 101 -0.92 -2.34 9.77
C LEU A 101 0.22 -1.75 10.59
N ALA A 102 0.92 -0.77 10.03
CA ALA A 102 2.04 -0.14 10.73
C ALA A 102 1.59 0.49 12.03
N SER A 103 0.45 1.20 12.01
CA SER A 103 -0.05 1.84 13.22
C SER A 103 -0.41 0.81 14.27
N GLU A 104 -0.97 -0.33 13.85
CA GLU A 104 -1.33 -1.37 14.81
C GLU A 104 -0.09 -2.01 15.43
N LEU A 105 0.96 -2.23 14.61
CA LEU A 105 2.20 -2.79 15.15
C LEU A 105 2.82 -1.85 16.17
N LEU A 106 2.80 -0.55 15.92
CA LEU A 106 3.26 0.42 16.90
C LEU A 106 2.42 0.36 18.17
N SER A 107 1.09 0.28 18.02
CA SER A 107 0.23 0.18 19.19
C SER A 107 0.57 -1.05 20.03
N ARG A 108 1.06 -2.11 19.41
CA ARG A 108 1.40 -3.34 20.10
C ARG A 108 2.82 -3.32 20.67
N GLY A 109 3.52 -2.21 20.58
CA GLY A 109 4.83 -2.08 21.18
C GLY A 109 6.00 -2.39 20.27
N GLU A 110 5.77 -2.57 18.97
CA GLU A 110 6.84 -2.89 18.05
C GLU A 110 7.65 -1.64 17.70
N ASN A 111 8.85 -1.87 17.18
CA ASN A 111 9.75 -0.79 16.79
C ASN A 111 9.49 -0.37 15.35
N SER A 112 10.13 0.74 14.96
CA SER A 112 10.00 1.25 13.60
C SER A 112 10.63 0.34 12.56
N GLU A 113 11.44 -0.63 12.98
CA GLU A 113 12.07 -1.53 12.02
C GLU A 113 11.02 -2.32 11.24
N GLY A 114 9.97 -2.79 11.92
CA GLY A 114 8.91 -3.49 11.23
C GLY A 114 8.23 -2.63 10.19
N SER A 115 8.03 -1.35 10.49
CA SER A 115 7.48 -0.42 9.51
C SER A 115 8.32 -0.41 8.24
N ARG A 116 9.64 -0.29 8.39
CA ARG A 116 10.52 -0.22 7.23
C ARG A 116 10.38 -1.47 6.36
N ARG A 117 10.30 -2.64 6.99
CA ARG A 117 10.17 -3.88 6.22
C ARG A 117 8.91 -3.87 5.36
N LEU A 118 7.80 -3.35 5.90
CA LEU A 118 6.58 -3.27 5.10
C LEU A 118 6.76 -2.31 3.93
N ALA A 119 7.43 -1.18 4.15
CA ALA A 119 7.68 -0.25 3.07
C ALA A 119 8.52 -0.90 1.97
N GLU A 120 9.55 -1.65 2.35
CA GLU A 120 10.37 -2.33 1.36
C GLU A 120 9.59 -3.39 0.62
N THR A 121 8.65 -4.06 1.28
CA THR A 121 7.83 -5.06 0.62
C THR A 121 6.96 -4.43 -0.46
N ILE A 122 6.33 -3.29 -0.16
CA ILE A 122 5.56 -2.57 -1.18
C ILE A 122 6.47 -2.16 -2.32
N ALA A 123 7.64 -1.60 -2.00
CA ALA A 123 8.56 -1.12 -3.02
C ALA A 123 9.01 -2.26 -3.93
N ASP A 124 9.38 -3.40 -3.34
CA ASP A 124 9.83 -4.52 -4.16
C ASP A 124 8.72 -5.03 -5.07
N TYR A 125 7.49 -5.06 -4.56
CA TYR A 125 6.39 -5.63 -5.34
C TYR A 125 6.00 -4.73 -6.50
N LEU A 126 5.74 -3.45 -6.22
CA LEU A 126 5.32 -2.54 -7.29
C LEU A 126 6.47 -2.20 -8.21
N GLY A 127 7.63 -1.87 -7.66
CA GLY A 127 8.78 -1.49 -8.47
C GLY A 127 9.45 -2.65 -9.18
N GLY A 128 9.29 -3.86 -8.66
CA GLY A 128 9.88 -5.02 -9.28
C GLY A 128 8.86 -5.84 -10.05
N GLU A 129 7.91 -6.43 -9.32
CA GLU A 129 6.96 -7.35 -9.93
C GLU A 129 6.02 -6.63 -10.89
N LYS A 130 5.65 -5.38 -10.60
CA LYS A 130 4.70 -4.64 -11.41
C LYS A 130 5.35 -3.47 -12.16
N GLN A 131 6.64 -3.57 -12.45
CA GLN A 131 7.34 -2.46 -13.09
C GLN A 131 6.73 -2.12 -14.44
N ASP A 132 6.30 -3.13 -15.21
CA ASP A 132 5.77 -2.85 -16.54
C ASP A 132 4.48 -2.05 -16.47
N TRP A 133 3.57 -2.42 -15.57
CA TRP A 133 2.34 -1.64 -15.41
C TRP A 133 2.64 -0.24 -14.92
N LEU A 134 3.51 -0.11 -13.92
CA LEU A 134 3.86 1.20 -13.40
C LEU A 134 4.38 2.11 -14.51
N VAL A 135 5.31 1.58 -15.33
CA VAL A 135 5.90 2.40 -16.39
C VAL A 135 4.84 2.83 -17.39
N GLU A 136 4.06 1.86 -17.89
CA GLU A 136 3.09 2.18 -18.93
C GLU A 136 2.05 3.19 -18.45
N ASN A 137 1.88 3.32 -17.14
CA ASN A 137 0.94 4.28 -16.56
C ASN A 137 1.63 5.52 -16.01
N GLY A 138 2.89 5.75 -16.37
CA GLY A 138 3.57 6.99 -16.02
C GLY A 138 4.11 7.04 -14.61
N GLY A 139 4.20 5.90 -13.93
CA GLY A 139 4.72 5.87 -12.58
C GLY A 139 3.92 6.74 -11.63
N TRP A 140 4.59 7.22 -10.58
CA TRP A 140 3.88 7.96 -9.55
C TRP A 140 3.49 9.35 -10.01
N GLU A 141 4.13 9.87 -11.06
CA GLU A 141 3.65 11.13 -11.63
C GLU A 141 2.34 10.91 -12.37
N GLY A 142 2.19 9.75 -13.02
CA GLY A 142 0.91 9.41 -13.61
C GLY A 142 -0.18 9.22 -12.56
N PHE A 143 0.19 8.58 -11.44
CA PHE A 143 -0.72 8.48 -10.29
C PHE A 143 -1.22 9.87 -9.89
N CYS A 144 -0.29 10.83 -9.79
CA CYS A 144 -0.68 12.19 -9.41
CA CYS A 144 -0.68 12.18 -9.40
C CYS A 144 -1.69 12.77 -10.37
N ARG A 145 -1.41 12.67 -11.67
CA ARG A 145 -2.26 13.30 -12.67
C ARG A 145 -3.58 12.56 -12.85
N PHE A 146 -3.59 11.24 -12.66
CA PHE A 146 -4.83 10.49 -12.78
C PHE A 146 -5.86 10.96 -11.76
N PHE A 147 -5.42 11.25 -10.54
CA PHE A 147 -6.29 11.77 -9.50
C PHE A 147 -6.27 13.29 -9.42
N HIS A 148 -5.79 13.96 -10.46
CA HIS A 148 -5.78 15.42 -10.53
C HIS A 148 -5.27 16.05 -9.23
N LEU B 2 -11.50 -21.39 1.23
CA LEU B 2 -11.09 -20.00 1.36
C LEU B 2 -10.10 -19.84 2.51
N TRP B 3 -8.92 -19.32 2.20
CA TRP B 3 -7.86 -19.12 3.18
C TRP B 3 -7.59 -17.63 3.37
N ALA B 4 -6.82 -17.32 4.41
CA ALA B 4 -6.71 -15.95 4.90
C ALA B 4 -6.26 -14.99 3.80
N ALA B 5 -5.15 -15.28 3.14
CA ALA B 5 -4.61 -14.34 2.15
C ALA B 5 -5.64 -14.02 1.09
N LYS B 6 -6.35 -15.04 0.59
CA LYS B 6 -7.38 -14.80 -0.42
C LYS B 6 -8.54 -14.01 0.17
N LYS B 7 -8.94 -14.32 1.41
CA LYS B 7 -9.99 -13.54 2.07
C LYS B 7 -9.62 -12.06 2.12
N TYR B 8 -8.42 -11.75 2.60
CA TYR B 8 -8.02 -10.36 2.76
C TYR B 8 -7.88 -9.68 1.40
N GLY B 9 -7.32 -10.38 0.41
CA GLY B 9 -7.19 -9.80 -0.91
C GLY B 9 -8.52 -9.43 -1.52
N GLN B 10 -9.51 -10.33 -1.40
CA GLN B 10 -10.84 -10.05 -1.94
C GLN B 10 -11.49 -8.88 -1.22
N GLN B 11 -11.34 -8.79 0.10
CA GLN B 11 -11.87 -7.67 0.84
C GLN B 11 -11.28 -6.35 0.34
N LEU B 12 -9.95 -6.32 0.16
CA LEU B 12 -9.32 -5.11 -0.35
C LEU B 12 -9.77 -4.81 -1.77
N ARG B 13 -9.95 -5.85 -2.59
CA ARG B 13 -10.40 -5.64 -3.96
C ARG B 13 -11.75 -4.93 -3.99
N ARG B 14 -12.69 -5.40 -3.16
CA ARG B 14 -14.02 -4.81 -3.17
C ARG B 14 -13.98 -3.35 -2.72
N MET B 15 -13.14 -3.04 -1.72
CA MET B 15 -13.02 -1.66 -1.28
C MET B 15 -12.35 -0.80 -2.33
N SER B 16 -11.40 -1.35 -3.08
CA SER B 16 -10.80 -0.60 -4.18
C SER B 16 -11.82 -0.29 -5.26
N ASP B 17 -12.69 -1.26 -5.58
CA ASP B 17 -13.70 -1.04 -6.60
C ASP B 17 -14.65 0.09 -6.19
N GLU B 18 -15.03 0.12 -4.92
CA GLU B 18 -15.87 1.21 -4.42
C GLU B 18 -15.14 2.55 -4.52
N PHE B 19 -13.84 2.56 -4.19
CA PHE B 19 -13.06 3.79 -4.29
C PHE B 19 -13.03 4.30 -5.73
N ASP B 20 -13.01 3.39 -6.70
CA ASP B 20 -13.04 3.80 -8.10
C ASP B 20 -14.40 4.38 -8.47
N LYS B 21 -15.48 3.84 -7.90
CA LYS B 21 -16.81 4.37 -8.19
C LYS B 21 -16.94 5.83 -7.76
N GLY B 22 -16.25 6.22 -6.69
CA GLY B 22 -16.22 7.61 -6.28
C GLY B 22 -14.97 8.31 -6.78
N GLN B 23 -13.83 7.64 -6.69
CA GLN B 23 -12.56 8.19 -7.12
C GLN B 23 -12.22 9.45 -6.35
#